data_1D6A
#
_entry.id   1D6A
#
_cell.length_a   49.294
_cell.length_b   49.411
_cell.length_c   64.288
_cell.angle_alpha   68.664
_cell.angle_beta   81.036
_cell.angle_gamma   63.870
#
_symmetry.space_group_name_H-M   'P 1'
#
loop_
_entity.id
_entity.type
_entity.pdbx_description
1 polymer 'POKEWEED ANTIVIRAL PROTEIN'
2 non-polymer GUANINE
3 water water
#
_entity_poly.entity_id   1
_entity_poly.type   'polypeptide(L)'
_entity_poly.pdbx_seq_one_letter_code
;VNTIIYNVGSTTISKYATFLNDLRNEAKDPSLKCYGIPMLPNTNTNPKYVLVELQGSNKKTITLMLRRNNLYVMGYSDPF
ETNKCRYHIFNDISGTERQDVETTLCPNANSRVSKNINFDSRYPTLESKAGVKSRSQVQLGIQILDSNIGKISGVMSFTE
KTEAEFLLVAIQMVSEAARFKYIENQVKTNFNRAFNPNPKVLNLQETWGKISTAIHDAKNGVLPKPLELVDASGAKWIVL
RVDEIKPDVALLNYVGGSCQTT
;
_entity_poly.pdbx_strand_id   A,B
#
loop_
_chem_comp.id
_chem_comp.type
_chem_comp.name
_chem_comp.formula
GUN non-polymer GUANINE 'C5 H5 N5 O'
#
# COMPACT_ATOMS: atom_id res chain seq x y z
N VAL A 1 -8.30 20.24 6.66
CA VAL A 1 -7.53 21.44 7.08
C VAL A 1 -6.30 21.07 7.92
N ASN A 2 -5.14 21.31 7.34
CA ASN A 2 -3.87 21.02 7.99
C ASN A 2 -3.40 22.18 8.86
N THR A 3 -2.60 21.85 9.85
CA THR A 3 -2.04 22.82 10.78
C THR A 3 -0.52 22.80 10.64
N ILE A 4 0.08 23.99 10.61
CA ILE A 4 1.52 24.14 10.51
C ILE A 4 1.89 24.72 11.86
N ILE A 5 2.88 24.13 12.53
CA ILE A 5 3.33 24.60 13.84
C ILE A 5 4.69 25.26 13.76
N TYR A 6 4.83 26.40 14.43
CA TYR A 6 6.09 27.12 14.44
C TYR A 6 6.32 27.59 15.85
N ASN A 7 7.46 27.20 16.43
CA ASN A 7 7.81 27.60 17.80
C ASN A 7 8.55 28.93 17.75
N VAL A 8 7.89 29.97 18.23
CA VAL A 8 8.45 31.31 18.25
C VAL A 8 9.42 31.46 19.43
N GLY A 9 9.12 30.74 20.51
CA GLY A 9 9.92 30.80 21.73
C GLY A 9 11.37 30.39 21.56
N SER A 10 11.63 29.51 20.59
CA SER A 10 12.99 29.04 20.34
C SER A 10 13.13 28.57 18.90
N THR A 11 13.81 29.38 18.08
CA THR A 11 14.04 29.05 16.68
C THR A 11 15.31 29.69 16.16
N THR A 12 15.56 29.41 14.89
CA THR A 12 16.72 29.91 14.18
C THR A 12 16.22 30.40 12.81
N ILE A 13 17.08 31.09 12.06
CA ILE A 13 16.68 31.58 10.74
C ILE A 13 16.28 30.42 9.85
N SER A 14 16.91 29.27 10.04
CA SER A 14 16.63 28.08 9.25
C SER A 14 15.27 27.48 9.56
N LYS A 15 14.89 27.49 10.84
CA LYS A 15 13.60 26.96 11.22
C LYS A 15 12.46 27.89 10.73
N TYR A 16 12.71 29.20 10.79
CA TYR A 16 11.75 30.19 10.30
C TYR A 16 11.56 29.95 8.82
N ALA A 17 12.67 29.78 8.10
CA ALA A 17 12.66 29.54 6.67
C ALA A 17 11.89 28.26 6.29
N THR A 18 12.04 27.21 7.11
CA THR A 18 11.35 25.95 6.86
C THR A 18 9.85 26.13 7.08
N PHE A 19 9.53 26.97 8.06
CA PHE A 19 8.14 27.26 8.41
C PHE A 19 7.41 27.90 7.22
N LEU A 20 8.00 28.97 6.68
CA LEU A 20 7.42 29.69 5.55
C LEU A 20 7.33 28.84 4.30
N ASN A 21 8.26 27.91 4.17
CA ASN A 21 8.30 27.01 3.03
C ASN A 21 7.18 25.98 3.15
N ASP A 22 6.88 25.57 4.37
CA ASP A 22 5.82 24.60 4.60
C ASP A 22 4.47 25.27 4.35
N LEU A 23 4.32 26.52 4.81
CA LEU A 23 3.09 27.27 4.63
C LEU A 23 2.86 27.53 3.14
N ARG A 24 3.91 27.91 2.41
CA ARG A 24 3.80 28.17 0.97
C ARG A 24 3.38 26.92 0.21
N ASN A 25 3.97 25.79 0.56
CA ASN A 25 3.65 24.51 -0.08
C ASN A 25 2.27 23.99 0.29
N GLU A 26 1.76 24.44 1.42
CA GLU A 26 0.46 24.03 1.91
C GLU A 26 -0.63 24.92 1.34
N ALA A 27 -0.32 26.21 1.21
CA ALA A 27 -1.26 27.19 0.67
C ALA A 27 -1.41 27.14 -0.84
N LYS A 28 -0.29 27.07 -1.55
CA LYS A 28 -0.28 27.04 -3.01
C LYS A 28 -1.17 26.01 -3.67
N ASP A 29 -1.47 26.28 -4.94
CA ASP A 29 -2.28 25.38 -5.75
C ASP A 29 -1.27 24.39 -6.32
N PRO A 30 -1.57 23.09 -6.21
CA PRO A 30 -0.64 22.08 -6.74
C PRO A 30 -0.14 22.35 -8.16
N SER A 31 -1.05 22.78 -9.03
CA SER A 31 -0.71 23.01 -10.44
C SER A 31 -0.56 24.44 -10.94
N LEU A 32 -1.23 25.39 -10.30
CA LEU A 32 -1.15 26.78 -10.72
C LEU A 32 0.17 27.51 -10.46
N LYS A 33 0.68 28.16 -11.50
CA LYS A 33 1.91 28.94 -11.44
C LYS A 33 2.12 29.72 -12.72
N CYS A 34 2.74 30.90 -12.61
CA CYS A 34 3.02 31.74 -13.75
C CYS A 34 4.47 32.18 -13.65
N TYR A 35 5.25 31.91 -14.69
CA TYR A 35 6.67 32.25 -14.72
C TYR A 35 7.44 31.65 -13.55
N GLY A 36 7.11 30.39 -13.23
CA GLY A 36 7.78 29.68 -12.16
C GLY A 36 7.32 30.02 -10.75
N ILE A 37 6.51 31.07 -10.60
CA ILE A 37 6.01 31.48 -9.30
C ILE A 37 4.69 30.79 -8.99
N PRO A 38 4.64 30.00 -7.90
CA PRO A 38 3.39 29.31 -7.56
C PRO A 38 2.25 30.29 -7.28
N MET A 39 1.03 29.89 -7.62
CA MET A 39 -0.15 30.73 -7.42
C MET A 39 -1.13 30.11 -6.44
N LEU A 40 -1.81 30.96 -5.67
CA LEU A 40 -2.80 30.51 -4.69
C LEU A 40 -4.01 29.88 -5.39
N PRO A 41 -4.72 28.97 -4.71
CA PRO A 41 -5.87 28.35 -5.38
C PRO A 41 -7.13 29.19 -5.57
N ASN A 42 -8.08 28.57 -6.26
CA ASN A 42 -9.38 29.15 -6.53
C ASN A 42 -10.16 29.02 -5.23
N THR A 43 -11.16 29.87 -5.06
CA THR A 43 -12.01 29.86 -3.87
C THR A 43 -12.76 28.51 -3.71
N ASN A 44 -12.89 27.79 -4.82
CA ASN A 44 -13.56 26.50 -4.87
C ASN A 44 -12.77 25.33 -4.30
N THR A 45 -11.46 25.33 -4.53
CA THR A 45 -10.59 24.25 -4.08
C THR A 45 -10.59 23.99 -2.56
N ASN A 46 -10.56 22.71 -2.21
CA ASN A 46 -10.53 22.26 -0.83
C ASN A 46 -9.20 21.58 -0.55
N PRO A 47 -8.65 21.76 0.66
CA PRO A 47 -9.31 22.61 1.67
C PRO A 47 -9.23 24.10 1.33
N LYS A 48 -10.08 24.89 1.97
CA LYS A 48 -10.10 26.32 1.71
C LYS A 48 -9.25 27.09 2.70
N TYR A 49 -8.88 26.43 3.80
CA TYR A 49 -8.12 27.08 4.84
C TYR A 49 -6.86 26.33 5.25
N VAL A 50 -6.02 27.03 6.00
CA VAL A 50 -4.78 26.48 6.52
C VAL A 50 -4.56 27.13 7.89
N LEU A 51 -4.30 26.29 8.90
CA LEU A 51 -4.06 26.79 10.26
C LEU A 51 -2.57 26.91 10.56
N VAL A 52 -2.23 27.91 11.36
CA VAL A 52 -0.84 28.14 11.74
C VAL A 52 -0.79 28.24 13.25
N GLU A 53 -0.28 27.20 13.90
CA GLU A 53 -0.16 27.20 15.35
C GLU A 53 1.18 27.83 15.77
N LEU A 54 1.10 28.94 16.48
CA LEU A 54 2.29 29.64 16.93
C LEU A 54 2.53 29.31 18.40
N GLN A 55 3.66 28.68 18.68
CA GLN A 55 4.03 28.32 20.04
C GLN A 55 5.01 29.30 20.65
N GLY A 56 4.50 30.15 21.53
CA GLY A 56 5.36 31.14 22.18
C GLY A 56 5.99 30.64 23.47
N SER A 57 6.72 31.52 24.13
CA SER A 57 7.35 31.18 25.40
C SER A 57 6.27 31.13 26.47
N ASN A 58 6.60 30.47 27.58
CA ASN A 58 5.69 30.34 28.72
C ASN A 58 4.42 29.56 28.42
N LYS A 59 4.51 28.61 27.49
CA LYS A 59 3.38 27.75 27.09
C LYS A 59 2.18 28.55 26.58
N LYS A 60 2.44 29.70 25.94
CA LYS A 60 1.38 30.54 25.40
C LYS A 60 1.22 30.27 23.90
N THR A 61 0.05 29.78 23.50
CA THR A 61 -0.20 29.47 22.10
C THR A 61 -1.36 30.25 21.50
N ILE A 62 -1.26 30.48 20.20
CA ILE A 62 -2.28 31.18 19.42
C ILE A 62 -2.26 30.51 18.07
N THR A 63 -3.43 30.12 17.58
CA THR A 63 -3.55 29.50 16.26
C THR A 63 -4.21 30.51 15.32
N LEU A 64 -3.63 30.71 14.14
CA LEU A 64 -4.14 31.64 13.14
C LEU A 64 -4.81 30.87 12.04
N MET A 65 -6.00 31.33 11.65
CA MET A 65 -6.71 30.70 10.56
C MET A 65 -6.48 31.54 9.32
N LEU A 66 -5.98 30.91 8.26
CA LEU A 66 -5.70 31.60 7.01
C LEU A 66 -6.52 31.06 5.83
N ARG A 67 -7.01 31.97 4.99
CA ARG A 67 -7.74 31.57 3.78
C ARG A 67 -6.66 31.27 2.75
N ARG A 68 -6.69 30.09 2.13
CA ARG A 68 -5.67 29.74 1.14
C ARG A 68 -5.67 30.61 -0.10
N ASN A 69 -6.88 30.96 -0.56
CA ASN A 69 -7.10 31.77 -1.76
C ASN A 69 -6.28 33.07 -1.81
N ASN A 70 -6.18 33.76 -0.68
CA ASN A 70 -5.45 35.03 -0.63
C ASN A 70 -4.52 35.18 0.59
N LEU A 71 -4.44 34.14 1.41
CA LEU A 71 -3.62 34.13 2.63
C LEU A 71 -4.03 35.12 3.71
N TYR A 72 -5.22 35.68 3.62
CA TYR A 72 -5.66 36.62 4.64
C TYR A 72 -5.97 35.86 5.92
N VAL A 73 -5.74 36.53 7.06
CA VAL A 73 -6.01 35.97 8.38
C VAL A 73 -7.47 36.27 8.64
N MET A 74 -8.26 35.22 8.87
CA MET A 74 -9.69 35.37 9.13
C MET A 74 -9.97 35.51 10.62
N GLY A 75 -9.04 35.02 11.42
CA GLY A 75 -9.17 35.08 12.87
C GLY A 75 -8.15 34.16 13.54
N TYR A 76 -8.20 34.10 14.86
CA TYR A 76 -7.28 33.26 15.63
C TYR A 76 -7.95 32.69 16.89
N SER A 77 -7.37 31.64 17.44
CA SER A 77 -7.90 31.04 18.68
C SER A 77 -6.77 30.90 19.69
N ASP A 78 -7.15 30.77 20.96
CA ASP A 78 -6.15 30.59 22.01
C ASP A 78 -6.70 29.70 23.10
N PRO A 79 -5.82 28.94 23.79
CA PRO A 79 -6.40 28.11 24.85
C PRO A 79 -6.87 29.06 25.95
N PHE A 80 -8.11 28.88 26.38
CA PHE A 80 -8.70 29.74 27.38
C PHE A 80 -9.19 28.95 28.59
N GLU A 81 -9.09 29.57 29.77
CA GLU A 81 -9.51 28.96 31.03
C GLU A 81 -8.89 27.57 31.17
N THR A 82 -9.68 26.60 31.60
CA THR A 82 -9.21 25.24 31.79
C THR A 82 -8.99 24.48 30.49
N ASN A 83 -10.08 24.14 29.81
CA ASN A 83 -10.03 23.38 28.57
C ASN A 83 -10.90 24.01 27.49
N LYS A 84 -11.14 25.32 27.62
CA LYS A 84 -11.96 26.04 26.66
C LYS A 84 -11.15 26.62 25.50
N CYS A 85 -11.75 26.58 24.31
CA CYS A 85 -11.14 27.09 23.08
C CYS A 85 -11.82 28.40 22.70
N ARG A 86 -11.09 29.49 22.83
CA ARG A 86 -11.61 30.82 22.52
C ARG A 86 -11.27 31.23 21.09
N TYR A 87 -12.31 31.43 20.29
CA TYR A 87 -12.12 31.84 18.90
C TYR A 87 -12.45 33.33 18.72
N HIS A 88 -11.64 34.00 17.92
CA HIS A 88 -11.79 35.42 17.65
C HIS A 88 -11.91 35.61 16.13
N ILE A 89 -13.10 35.99 15.67
CA ILE A 89 -13.33 36.20 14.24
C ILE A 89 -13.27 37.68 13.90
N PHE A 90 -12.67 38.00 12.76
CA PHE A 90 -12.57 39.38 12.30
C PHE A 90 -13.95 39.91 11.95
N ASN A 91 -14.13 41.21 12.12
CA ASN A 91 -15.38 41.89 11.84
C ASN A 91 -15.77 41.80 10.36
N ASP A 92 -14.78 41.78 9.49
CA ASP A 92 -15.03 41.71 8.06
C ASP A 92 -15.29 40.30 7.50
N ILE A 93 -15.38 39.31 8.39
CA ILE A 93 -15.68 37.94 7.97
C ILE A 93 -17.18 37.78 8.14
N SER A 94 -17.84 37.26 7.10
CA SER A 94 -19.28 37.10 7.18
C SER A 94 -19.80 35.91 6.41
N GLY A 95 -21.06 35.57 6.68
CA GLY A 95 -21.69 34.46 6.01
C GLY A 95 -21.27 33.13 6.58
N THR A 96 -21.18 32.14 5.69
CA THR A 96 -20.80 30.79 6.08
C THR A 96 -19.36 30.73 6.58
N GLU A 97 -18.55 31.70 6.16
CA GLU A 97 -17.17 31.74 6.59
C GLU A 97 -17.03 31.91 8.11
N ARG A 98 -17.95 32.64 8.73
CA ARG A 98 -17.91 32.85 10.18
C ARG A 98 -18.09 31.53 10.94
N GLN A 99 -18.88 30.63 10.38
CA GLN A 99 -19.12 29.33 11.00
C GLN A 99 -17.91 28.42 10.75
N ASP A 100 -17.24 28.62 9.62
CA ASP A 100 -16.05 27.86 9.25
C ASP A 100 -14.89 28.21 10.18
N VAL A 101 -14.76 29.48 10.52
CA VAL A 101 -13.70 29.93 11.42
C VAL A 101 -13.96 29.37 12.80
N GLU A 102 -15.22 29.37 13.21
CA GLU A 102 -15.62 28.86 14.50
C GLU A 102 -15.40 27.35 14.64
N THR A 103 -15.82 26.59 13.64
CA THR A 103 -15.69 25.13 13.71
C THR A 103 -14.32 24.60 13.32
N THR A 104 -13.57 25.37 12.54
CA THR A 104 -12.24 24.95 12.12
C THR A 104 -11.23 25.25 13.24
N LEU A 105 -11.35 26.41 13.87
CA LEU A 105 -10.44 26.77 14.94
C LEU A 105 -10.68 25.99 16.22
N CYS A 106 -11.95 25.87 16.60
CA CYS A 106 -12.34 25.15 17.81
C CYS A 106 -13.32 24.03 17.46
N PRO A 107 -12.82 22.92 16.91
CA PRO A 107 -13.61 21.75 16.50
C PRO A 107 -14.47 21.05 17.58
N ASN A 108 -14.28 21.40 18.85
CA ASN A 108 -15.08 20.80 19.90
C ASN A 108 -16.19 21.77 20.27
N ALA A 109 -17.40 21.46 19.80
CA ALA A 109 -18.58 22.28 20.02
C ALA A 109 -18.93 22.52 21.48
N ASN A 110 -18.79 21.48 22.30
CA ASN A 110 -19.12 21.58 23.72
C ASN A 110 -18.21 22.47 24.56
N SER A 111 -17.00 22.76 24.07
CA SER A 111 -16.07 23.59 24.85
C SER A 111 -15.43 24.78 24.10
N ARG A 112 -16.24 25.55 23.36
CA ARG A 112 -15.70 26.72 22.66
C ARG A 112 -16.37 28.03 23.05
N VAL A 113 -15.54 29.02 23.33
CA VAL A 113 -15.97 30.37 23.73
C VAL A 113 -15.58 31.35 22.62
N SER A 114 -16.35 32.43 22.46
CA SER A 114 -16.05 33.40 21.43
C SER A 114 -15.72 34.78 21.96
N LYS A 115 -14.82 35.45 21.25
CA LYS A 115 -14.40 36.81 21.58
C LYS A 115 -14.05 37.47 20.24
N ASN A 116 -15.06 38.10 19.64
CA ASN A 116 -14.89 38.76 18.34
C ASN A 116 -13.87 39.88 18.33
N ILE A 117 -13.25 40.07 17.17
CA ILE A 117 -12.32 41.16 16.97
C ILE A 117 -13.29 42.22 16.44
N ASN A 118 -13.51 43.28 17.22
CA ASN A 118 -14.45 44.35 16.87
C ASN A 118 -13.97 45.36 15.83
N PHE A 119 -13.19 44.89 14.86
CA PHE A 119 -12.69 45.73 13.79
C PHE A 119 -12.24 44.85 12.63
N ASP A 120 -12.05 45.44 11.46
CA ASP A 120 -11.62 44.69 10.29
C ASP A 120 -10.09 44.53 10.21
N SER A 121 -9.67 43.69 9.26
CA SER A 121 -8.26 43.38 9.04
C SER A 121 -7.45 44.32 8.15
N ARG A 122 -8.04 45.41 7.70
CA ARG A 122 -7.32 46.36 6.83
C ARG A 122 -6.22 47.07 7.63
N TYR A 123 -5.06 47.23 7.01
CA TYR A 123 -3.94 47.90 7.67
C TYR A 123 -4.29 49.25 8.27
N PRO A 124 -5.02 50.12 7.54
CA PRO A 124 -5.32 51.41 8.17
C PRO A 124 -6.15 51.28 9.45
N THR A 125 -7.01 50.26 9.51
CA THR A 125 -7.82 50.05 10.70
C THR A 125 -6.90 49.57 11.83
N LEU A 126 -6.02 48.62 11.51
CA LEU A 126 -5.09 48.07 12.48
C LEU A 126 -4.16 49.15 13.04
N GLU A 127 -3.68 50.02 12.15
CA GLU A 127 -2.79 51.10 12.53
C GLU A 127 -3.43 52.14 13.44
N SER A 128 -4.72 52.43 13.24
CA SER A 128 -5.42 53.39 14.09
C SER A 128 -5.72 52.77 15.46
N LYS A 129 -6.02 51.48 15.47
CA LYS A 129 -6.30 50.77 16.71
C LYS A 129 -5.01 50.71 17.52
N ALA A 130 -3.90 50.45 16.83
CA ALA A 130 -2.58 50.38 17.46
C ALA A 130 -2.07 51.76 17.85
N GLY A 131 -2.76 52.80 17.39
CA GLY A 131 -2.38 54.16 17.72
C GLY A 131 -1.19 54.77 17.00
N VAL A 132 -1.01 54.42 15.72
CA VAL A 132 0.11 54.95 14.94
C VAL A 132 -0.35 55.50 13.60
N LYS A 133 0.49 56.34 12.98
CA LYS A 133 0.14 56.91 11.69
C LYS A 133 0.46 55.90 10.60
N SER A 134 1.45 55.04 10.88
CA SER A 134 1.89 54.02 9.94
C SER A 134 2.48 52.82 10.66
N ARG A 135 2.30 51.64 10.09
CA ARG A 135 2.82 50.40 10.66
C ARG A 135 4.35 50.36 10.60
N SER A 136 4.95 51.32 9.90
CA SER A 136 6.41 51.38 9.81
C SER A 136 6.95 51.81 11.17
N GLN A 137 6.09 52.39 11.99
CA GLN A 137 6.43 52.85 13.33
C GLN A 137 6.35 51.71 14.36
N VAL A 138 5.81 50.56 13.93
CA VAL A 138 5.68 49.39 14.78
C VAL A 138 6.78 48.39 14.39
N GLN A 139 7.65 48.09 15.33
CA GLN A 139 8.75 47.18 15.06
C GLN A 139 8.32 45.72 14.98
N LEU A 140 8.90 45.01 14.04
CA LEU A 140 8.65 43.60 13.83
C LEU A 140 9.84 42.84 14.42
N GLY A 141 9.66 41.56 14.71
CA GLY A 141 10.75 40.78 15.28
C GLY A 141 10.24 39.53 15.97
N ILE A 142 11.07 38.49 15.96
CA ILE A 142 10.74 37.20 16.57
C ILE A 142 10.39 37.32 18.05
N GLN A 143 11.22 38.05 18.78
CA GLN A 143 11.03 38.28 20.19
C GLN A 143 9.80 39.15 20.40
N ILE A 144 9.51 40.04 19.44
CA ILE A 144 8.34 40.91 19.54
C ILE A 144 7.07 40.09 19.32
N LEU A 145 7.15 39.15 18.39
CA LEU A 145 6.01 38.27 18.08
C LEU A 145 5.73 37.37 19.29
N ASP A 146 6.81 36.90 19.93
CA ASP A 146 6.73 36.02 21.09
C ASP A 146 6.10 36.78 22.25
N SER A 147 6.52 38.01 22.41
CA SER A 147 6.03 38.87 23.46
C SER A 147 4.55 39.23 23.31
N ASN A 148 4.08 39.39 22.07
CA ASN A 148 2.69 39.72 21.84
C ASN A 148 1.78 38.52 22.07
N ILE A 149 2.29 37.32 21.77
CA ILE A 149 1.52 36.09 21.99
C ILE A 149 1.23 35.98 23.48
N GLY A 150 2.22 36.33 24.30
CA GLY A 150 2.06 36.28 25.74
C GLY A 150 1.05 37.28 26.29
N LYS A 151 0.87 38.41 25.60
CA LYS A 151 -0.10 39.43 26.02
C LYS A 151 -1.54 39.07 25.69
N ILE A 152 -1.72 38.14 24.75
CA ILE A 152 -3.04 37.71 24.29
C ILE A 152 -3.49 36.36 24.81
N SER A 153 -2.70 35.33 24.53
CA SER A 153 -3.00 33.95 24.92
C SER A 153 -3.42 33.76 26.37
N GLY A 154 -4.60 33.18 26.56
CA GLY A 154 -5.12 32.92 27.88
C GLY A 154 -5.53 34.14 28.68
N VAL A 155 -5.20 35.34 28.19
CA VAL A 155 -5.55 36.57 28.89
C VAL A 155 -7.04 36.89 28.81
N MET A 156 -7.66 37.08 29.97
CA MET A 156 -9.08 37.37 30.11
C MET A 156 -9.51 38.52 29.24
N SER A 157 -8.92 39.68 29.47
CA SER A 157 -9.26 40.86 28.68
C SER A 157 -8.02 41.69 28.37
N PHE A 158 -7.98 42.19 27.14
CA PHE A 158 -6.89 43.03 26.66
C PHE A 158 -7.48 44.17 25.83
N THR A 159 -6.70 45.23 25.67
CA THR A 159 -7.12 46.41 24.92
C THR A 159 -7.11 46.12 23.42
N GLU A 160 -7.83 46.92 22.64
CA GLU A 160 -7.86 46.76 21.18
C GLU A 160 -6.52 47.17 20.60
N LYS A 161 -5.81 48.03 21.32
CA LYS A 161 -4.47 48.47 20.92
C LYS A 161 -3.50 47.28 20.99
N THR A 162 -3.60 46.53 22.09
CA THR A 162 -2.76 45.36 22.31
C THR A 162 -3.07 44.27 21.30
N GLU A 163 -4.34 44.13 20.95
CA GLU A 163 -4.75 43.13 19.98
C GLU A 163 -4.33 43.52 18.57
N ALA A 164 -4.41 44.81 18.28
CA ALA A 164 -4.02 45.34 16.97
C ALA A 164 -2.51 45.16 16.75
N GLU A 165 -1.71 45.46 17.77
CA GLU A 165 -0.25 45.33 17.68
C GLU A 165 0.12 43.88 17.38
N PHE A 166 -0.58 42.96 18.04
CA PHE A 166 -0.37 41.53 17.81
C PHE A 166 -0.65 41.20 16.35
N LEU A 167 -1.80 41.64 15.86
CA LEU A 167 -2.21 41.38 14.47
C LEU A 167 -1.26 41.97 13.45
N LEU A 168 -0.84 43.21 13.69
CA LEU A 168 0.11 43.89 12.80
C LEU A 168 1.39 43.07 12.63
N VAL A 169 1.95 42.60 13.76
CA VAL A 169 3.19 41.80 13.74
C VAL A 169 2.99 40.39 13.16
N ALA A 170 1.96 39.70 13.62
CA ALA A 170 1.66 38.34 13.15
C ALA A 170 1.36 38.27 11.65
N ILE A 171 0.55 39.19 11.14
CA ILE A 171 0.20 39.21 9.72
C ILE A 171 1.42 39.43 8.83
N GLN A 172 2.24 40.42 9.19
CA GLN A 172 3.43 40.73 8.41
C GLN A 172 4.50 39.65 8.49
N MET A 173 4.66 39.03 9.65
CA MET A 173 5.67 37.99 9.81
C MET A 173 5.25 36.63 9.33
N VAL A 174 3.94 36.44 9.15
CA VAL A 174 3.43 35.16 8.66
C VAL A 174 2.92 35.25 7.21
N SER A 175 1.79 35.94 7.02
CA SER A 175 1.19 36.08 5.69
C SER A 175 2.06 36.83 4.69
N GLU A 176 2.51 38.03 5.06
CA GLU A 176 3.32 38.84 4.17
C GLU A 176 4.67 38.20 3.86
N ALA A 177 5.23 37.50 4.85
CA ALA A 177 6.52 36.85 4.67
C ALA A 177 6.37 35.65 3.72
N ALA A 178 5.23 34.97 3.80
CA ALA A 178 4.99 33.82 2.93
C ALA A 178 4.77 34.26 1.48
N ARG A 179 4.22 35.45 1.28
CA ARG A 179 3.97 35.95 -0.06
C ARG A 179 5.22 36.51 -0.71
N PHE A 180 6.04 37.20 0.08
CA PHE A 180 7.24 37.83 -0.44
C PHE A 180 8.56 37.33 0.12
N LYS A 181 9.44 36.89 -0.78
CA LYS A 181 10.78 36.43 -0.39
C LYS A 181 11.52 37.62 0.22
N TYR A 182 11.24 38.80 -0.33
CA TYR A 182 11.87 40.01 0.15
C TYR A 182 11.59 40.22 1.63
N ILE A 183 10.33 40.14 2.02
CA ILE A 183 9.97 40.34 3.41
C ILE A 183 10.55 39.23 4.31
N GLU A 184 10.67 38.02 3.78
CA GLU A 184 11.26 36.91 4.55
C GLU A 184 12.72 37.25 4.83
N ASN A 185 13.41 37.75 3.81
CA ASN A 185 14.81 38.14 3.91
C ASN A 185 15.02 39.26 4.90
N GLN A 186 14.11 40.22 4.92
CA GLN A 186 14.22 41.32 5.86
C GLN A 186 14.17 40.81 7.29
N VAL A 187 13.35 39.78 7.51
CA VAL A 187 13.19 39.18 8.84
C VAL A 187 14.47 38.45 9.25
N LYS A 188 14.99 37.64 8.34
CA LYS A 188 16.20 36.85 8.60
C LYS A 188 17.45 37.72 8.79
N THR A 189 17.53 38.83 8.06
CA THR A 189 18.66 39.75 8.17
C THR A 189 18.63 40.49 9.50
N ASN A 190 17.43 40.67 10.05
CA ASN A 190 17.24 41.36 11.32
C ASN A 190 16.72 40.39 12.37
N PHE A 191 17.04 39.11 12.19
CA PHE A 191 16.55 38.07 13.10
C PHE A 191 16.77 38.26 14.60
N ASN A 192 17.94 38.73 14.99
CA ASN A 192 18.25 38.90 16.41
C ASN A 192 17.96 40.28 16.98
N ARG A 193 17.19 41.07 16.24
CA ARG A 193 16.84 42.41 16.68
C ARG A 193 15.48 42.83 16.15
N ALA A 194 14.97 43.93 16.68
CA ALA A 194 13.68 44.49 16.24
C ALA A 194 13.98 45.43 15.09
N PHE A 195 13.09 45.49 14.11
CA PHE A 195 13.31 46.38 12.99
C PHE A 195 12.02 47.02 12.51
N ASN A 196 12.14 48.17 11.86
CA ASN A 196 11.00 48.87 11.32
C ASN A 196 10.94 48.55 9.84
N PRO A 197 9.75 48.17 9.34
CA PRO A 197 9.62 47.83 7.92
C PRO A 197 10.01 49.03 7.05
N ASN A 198 10.80 48.81 6.02
CA ASN A 198 11.20 49.91 5.13
C ASN A 198 10.11 50.18 4.08
N PRO A 199 10.22 51.31 3.34
CA PRO A 199 9.22 51.65 2.33
C PRO A 199 8.90 50.54 1.32
N LYS A 200 9.86 49.66 1.06
CA LYS A 200 9.65 48.59 0.10
C LYS A 200 8.79 47.44 0.62
N VAL A 201 8.97 47.04 1.88
CA VAL A 201 8.14 45.96 2.39
C VAL A 201 6.67 46.40 2.46
N LEU A 202 6.41 47.65 2.86
CA LEU A 202 5.04 48.17 2.96
C LEU A 202 4.39 48.35 1.59
N ASN A 203 5.18 48.78 0.61
CA ASN A 203 4.68 48.95 -0.74
C ASN A 203 4.34 47.58 -1.33
N LEU A 204 5.23 46.62 -1.11
CA LEU A 204 5.08 45.25 -1.59
C LEU A 204 3.77 44.67 -1.05
N GLN A 205 3.51 44.92 0.23
CA GLN A 205 2.30 44.41 0.87
C GLN A 205 1.04 44.99 0.22
N GLU A 206 1.09 46.30 -0.04
CA GLU A 206 -0.03 47.03 -0.60
C GLU A 206 -0.30 46.87 -2.10
N THR A 207 0.65 46.34 -2.84
CA THR A 207 0.45 46.18 -4.28
C THR A 207 0.54 44.73 -4.75
N TRP A 208 0.41 43.79 -3.81
CA TRP A 208 0.50 42.35 -4.10
C TRP A 208 -0.46 41.87 -5.19
N GLY A 209 -1.70 42.32 -5.12
CA GLY A 209 -2.71 41.94 -6.11
C GLY A 209 -2.36 42.44 -7.51
N LYS A 210 -1.90 43.69 -7.57
CA LYS A 210 -1.51 44.31 -8.83
C LYS A 210 -0.32 43.56 -9.43
N ILE A 211 0.66 43.23 -8.61
CA ILE A 211 1.84 42.49 -9.06
C ILE A 211 1.43 41.12 -9.59
N SER A 212 0.53 40.47 -8.87
CA SER A 212 0.05 39.12 -9.25
C SER A 212 -0.66 39.12 -10.61
N THR A 213 -1.48 40.14 -10.84
CA THR A 213 -2.21 40.31 -12.10
C THR A 213 -1.23 40.65 -13.23
N ALA A 214 -0.31 41.57 -12.96
CA ALA A 214 0.70 41.98 -13.93
C ALA A 214 1.53 40.81 -14.43
N ILE A 215 2.02 39.99 -13.51
CA ILE A 215 2.85 38.83 -13.86
C ILE A 215 2.04 37.79 -14.62
N HIS A 216 0.80 37.58 -14.18
CA HIS A 216 -0.08 36.61 -14.82
C HIS A 216 -0.38 37.03 -16.27
N ASP A 217 -0.54 38.33 -16.48
CA ASP A 217 -0.85 38.86 -17.80
C ASP A 217 0.35 39.19 -18.69
N ALA A 218 1.55 39.21 -18.11
CA ALA A 218 2.74 39.52 -18.88
C ALA A 218 2.94 38.56 -20.03
N LYS A 219 3.38 39.09 -21.17
CA LYS A 219 3.62 38.29 -22.36
C LYS A 219 5.10 38.30 -22.66
N ASN A 220 5.69 37.10 -22.76
CA ASN A 220 7.11 36.95 -23.03
C ASN A 220 7.98 37.64 -21.97
N GLY A 221 7.47 37.64 -20.74
CA GLY A 221 8.20 38.26 -19.64
C GLY A 221 8.07 39.77 -19.54
N VAL A 222 7.29 40.37 -20.42
CA VAL A 222 7.10 41.81 -20.38
C VAL A 222 5.74 42.14 -19.80
N LEU A 223 5.74 42.95 -18.75
CA LEU A 223 4.51 43.36 -18.07
C LEU A 223 3.60 44.12 -19.03
N PRO A 224 2.27 43.97 -18.87
CA PRO A 224 1.30 44.64 -19.74
C PRO A 224 1.55 46.14 -19.80
N LYS A 225 1.94 46.70 -18.65
CA LYS A 225 2.25 48.13 -18.53
C LYS A 225 3.23 48.34 -17.36
N PRO A 226 4.03 49.41 -17.43
CA PRO A 226 5.01 49.75 -16.39
C PRO A 226 4.43 49.74 -14.99
N LEU A 227 5.07 48.98 -14.10
CA LEU A 227 4.63 48.87 -12.73
C LEU A 227 5.45 49.83 -11.87
N GLU A 228 4.78 50.75 -11.21
CA GLU A 228 5.46 51.72 -10.36
C GLU A 228 5.44 51.27 -8.90
N LEU A 229 6.60 50.82 -8.42
CA LEU A 229 6.75 50.36 -7.05
C LEU A 229 7.65 51.32 -6.29
N VAL A 230 8.08 50.93 -5.09
CA VAL A 230 8.95 51.77 -4.27
C VAL A 230 10.07 50.87 -3.80
N ASP A 231 11.32 51.34 -3.87
CA ASP A 231 12.42 50.52 -3.39
C ASP A 231 12.66 50.77 -1.90
N ALA A 232 13.60 50.03 -1.33
CA ALA A 232 13.92 50.14 0.09
C ALA A 232 14.22 51.54 0.62
N SER A 233 14.74 52.42 -0.23
CA SER A 233 15.08 53.80 0.17
C SER A 233 13.89 54.76 0.13
N GLY A 234 12.80 54.33 -0.49
CA GLY A 234 11.63 55.18 -0.59
C GLY A 234 11.57 55.93 -1.92
N ALA A 235 12.39 55.51 -2.87
CA ALA A 235 12.42 56.13 -4.19
C ALA A 235 11.56 55.32 -5.13
N LYS A 236 11.03 55.97 -6.17
CA LYS A 236 10.21 55.30 -7.16
C LYS A 236 11.01 54.22 -7.89
N TRP A 237 10.39 53.06 -8.05
CA TRP A 237 11.03 51.92 -8.68
C TRP A 237 10.15 51.39 -9.82
N ILE A 238 10.52 51.72 -11.05
CA ILE A 238 9.76 51.28 -12.21
C ILE A 238 10.20 49.92 -12.71
N VAL A 239 9.26 48.99 -12.73
CA VAL A 239 9.51 47.64 -13.17
C VAL A 239 8.85 47.43 -14.53
N LEU A 240 9.57 46.81 -15.45
CA LEU A 240 9.05 46.57 -16.79
C LEU A 240 8.91 45.10 -17.11
N ARG A 241 9.75 44.28 -16.50
CA ARG A 241 9.72 42.85 -16.76
C ARG A 241 9.52 42.02 -15.50
N VAL A 242 9.13 40.77 -15.71
CA VAL A 242 8.89 39.83 -14.63
C VAL A 242 10.21 39.50 -13.91
N ASP A 243 11.31 39.41 -14.66
CA ASP A 243 12.62 39.12 -14.08
C ASP A 243 13.02 40.11 -13.00
N GLU A 244 12.60 41.35 -13.17
CA GLU A 244 12.92 42.43 -12.23
C GLU A 244 12.19 42.36 -10.88
N ILE A 245 11.01 41.73 -10.86
CA ILE A 245 10.24 41.66 -9.63
C ILE A 245 10.15 40.24 -9.05
N LYS A 246 10.29 39.24 -9.92
CA LYS A 246 10.20 37.84 -9.52
C LYS A 246 11.02 37.45 -8.28
N PRO A 247 12.26 37.96 -8.14
CA PRO A 247 13.08 37.61 -6.97
C PRO A 247 12.47 37.92 -5.62
N ASP A 248 11.65 38.96 -5.56
CA ASP A 248 11.02 39.35 -4.30
C ASP A 248 9.67 38.69 -4.02
N VAL A 249 9.16 37.92 -4.99
CA VAL A 249 7.85 37.30 -4.86
C VAL A 249 7.86 35.77 -4.75
N ALA A 250 7.24 35.25 -3.70
CA ALA A 250 7.16 33.81 -3.48
C ALA A 250 5.83 33.21 -3.91
N LEU A 251 4.75 33.94 -3.68
CA LEU A 251 3.40 33.49 -4.03
C LEU A 251 2.55 34.54 -4.78
N LEU A 252 1.83 34.08 -5.79
CA LEU A 252 0.95 34.96 -6.57
C LEU A 252 -0.49 34.83 -6.09
N ASN A 253 -1.20 35.95 -6.03
CA ASN A 253 -2.61 35.94 -5.64
C ASN A 253 -3.32 35.20 -6.77
N TYR A 254 -4.44 34.54 -6.46
CA TYR A 254 -5.15 33.83 -7.51
C TYR A 254 -5.68 34.79 -8.58
N VAL A 255 -5.35 34.49 -9.83
CA VAL A 255 -5.79 35.29 -10.97
C VAL A 255 -6.32 34.31 -12.01
N GLY A 256 -7.61 34.40 -12.30
CA GLY A 256 -8.20 33.49 -13.26
C GLY A 256 -7.67 33.61 -14.67
N GLY A 257 -7.67 32.51 -15.40
CA GLY A 257 -7.18 32.53 -16.77
C GLY A 257 -5.84 31.87 -16.94
N SER A 258 -5.40 31.73 -18.18
CA SER A 258 -4.12 31.10 -18.45
C SER A 258 -2.98 32.13 -18.47
N CYS A 259 -1.77 31.62 -18.22
CA CYS A 259 -0.56 32.45 -18.19
C CYS A 259 0.60 31.54 -18.55
N GLN A 260 1.73 32.13 -18.92
CA GLN A 260 2.91 31.33 -19.26
C GLN A 260 3.43 30.74 -17.95
N THR A 261 3.21 29.44 -17.77
CA THR A 261 3.60 28.72 -16.57
C THR A 261 5.06 28.85 -16.16
N THR A 262 5.95 28.84 -17.15
CA THR A 262 7.38 28.97 -16.89
C THR A 262 8.03 29.86 -17.96
N VAL B 1 -13.96 -43.52 3.62
CA VAL B 1 -13.12 -43.03 2.49
C VAL B 1 -13.95 -42.17 1.53
N ASN B 2 -13.61 -40.89 1.45
CA ASN B 2 -14.31 -39.97 0.56
C ASN B 2 -13.70 -39.94 -0.83
N THR B 3 -14.53 -39.55 -1.80
CA THR B 3 -14.08 -39.43 -3.18
C THR B 3 -14.21 -37.96 -3.59
N ILE B 4 -13.20 -37.48 -4.31
CA ILE B 4 -13.17 -36.10 -4.80
C ILE B 4 -13.25 -36.26 -6.31
N ILE B 5 -14.25 -35.63 -6.93
CA ILE B 5 -14.44 -35.72 -8.38
C ILE B 5 -13.96 -34.47 -9.11
N TYR B 6 -13.23 -34.68 -10.20
CA TYR B 6 -12.72 -33.57 -11.00
C TYR B 6 -12.95 -33.88 -12.46
N ASN B 7 -13.69 -33.01 -13.15
CA ASN B 7 -13.97 -33.19 -14.57
C ASN B 7 -12.83 -32.61 -15.40
N VAL B 8 -12.05 -33.48 -16.02
CA VAL B 8 -10.92 -33.09 -16.84
C VAL B 8 -11.39 -32.72 -18.25
N GLY B 9 -12.50 -33.33 -18.67
CA GLY B 9 -13.05 -33.06 -19.99
C GLY B 9 -13.52 -31.63 -20.21
N SER B 10 -13.92 -30.96 -19.14
CA SER B 10 -14.39 -29.59 -19.24
C SER B 10 -14.23 -28.86 -17.92
N THR B 11 -13.20 -28.01 -17.84
CA THR B 11 -12.92 -27.24 -16.62
C THR B 11 -12.27 -25.89 -16.92
N THR B 12 -11.98 -25.17 -15.84
CA THR B 12 -11.36 -23.86 -15.87
C THR B 12 -10.27 -23.83 -14.79
N ILE B 13 -9.44 -22.78 -14.79
CA ILE B 13 -8.39 -22.67 -13.79
C ILE B 13 -9.01 -22.59 -12.41
N SER B 14 -10.23 -22.05 -12.35
CA SER B 14 -10.95 -21.91 -11.09
C SER B 14 -11.44 -23.24 -10.55
N LYS B 15 -11.91 -24.11 -11.44
CA LYS B 15 -12.40 -25.43 -11.04
C LYS B 15 -11.23 -26.33 -10.63
N TYR B 16 -10.10 -26.20 -11.33
CA TYR B 16 -8.92 -26.97 -11.02
C TYR B 16 -8.46 -26.57 -9.63
N ALA B 17 -8.42 -25.26 -9.38
CA ALA B 17 -8.01 -24.71 -8.10
C ALA B 17 -8.91 -25.17 -6.94
N THR B 18 -10.21 -25.29 -7.21
CA THR B 18 -11.18 -25.74 -6.21
C THR B 18 -10.95 -27.22 -5.93
N PHE B 19 -10.60 -27.97 -6.98
CA PHE B 19 -10.33 -29.39 -6.87
C PHE B 19 -9.15 -29.65 -5.93
N LEU B 20 -8.03 -28.97 -6.18
CA LEU B 20 -6.83 -29.13 -5.36
C LEU B 20 -7.07 -28.65 -3.93
N ASN B 21 -7.95 -27.66 -3.76
CA ASN B 21 -8.27 -27.15 -2.43
C ASN B 21 -9.11 -28.16 -1.64
N ASP B 22 -9.96 -28.90 -2.37
CA ASP B 22 -10.81 -29.91 -1.77
C ASP B 22 -9.95 -31.11 -1.37
N LEU B 23 -9.02 -31.50 -2.24
CA LEU B 23 -8.13 -32.61 -1.97
C LEU B 23 -7.25 -32.29 -0.75
N ARG B 24 -6.73 -31.07 -0.71
CA ARG B 24 -5.87 -30.63 0.40
C ARG B 24 -6.60 -30.64 1.72
N ASN B 25 -7.84 -30.19 1.73
CA ASN B 25 -8.63 -30.16 2.96
C ASN B 25 -9.10 -31.55 3.39
N GLU B 26 -9.14 -32.48 2.45
CA GLU B 26 -9.56 -33.84 2.71
C GLU B 26 -8.37 -34.69 3.19
N ALA B 27 -7.21 -34.47 2.59
CA ALA B 27 -6.00 -35.20 2.93
C ALA B 27 -5.36 -34.75 4.24
N LYS B 28 -5.23 -33.43 4.43
CA LYS B 28 -4.62 -32.86 5.64
C LYS B 28 -5.18 -33.36 6.97
N ASP B 29 -4.34 -33.26 8.00
CA ASP B 29 -4.75 -33.64 9.34
C ASP B 29 -5.50 -32.44 9.88
N PRO B 30 -6.67 -32.67 10.48
CA PRO B 30 -7.46 -31.56 11.03
C PRO B 30 -6.67 -30.55 11.86
N SER B 31 -5.86 -31.04 12.80
CA SER B 31 -5.08 -30.16 13.69
C SER B 31 -3.60 -29.93 13.39
N LEU B 32 -2.92 -30.89 12.78
CA LEU B 32 -1.50 -30.75 12.47
C LEU B 32 -1.12 -29.67 11.46
N LYS B 33 -0.11 -28.87 11.82
CA LYS B 33 0.41 -27.80 10.98
C LYS B 33 1.66 -27.21 11.62
N CYS B 34 2.58 -26.74 10.79
CA CYS B 34 3.81 -26.11 11.29
C CYS B 34 3.98 -24.83 10.48
N TYR B 35 4.07 -23.70 11.16
CA TYR B 35 4.23 -22.38 10.53
C TYR B 35 3.09 -22.04 9.58
N GLY B 36 1.87 -22.42 9.96
CA GLY B 36 0.70 -22.14 9.14
C GLY B 36 0.46 -23.09 7.98
N ILE B 37 1.39 -24.01 7.73
CA ILE B 37 1.25 -24.95 6.63
C ILE B 37 0.67 -26.26 7.16
N PRO B 38 -0.54 -26.65 6.68
CA PRO B 38 -1.12 -27.90 7.16
C PRO B 38 -0.23 -29.11 6.86
N MET B 39 -0.25 -30.10 7.75
CA MET B 39 0.54 -31.32 7.63
C MET B 39 -0.36 -32.52 7.41
N LEU B 40 0.15 -33.51 6.71
CA LEU B 40 -0.62 -34.73 6.47
C LEU B 40 -0.77 -35.52 7.77
N PRO B 41 -1.68 -36.51 7.81
CA PRO B 41 -1.81 -37.23 9.07
C PRO B 41 -0.86 -38.41 9.30
N ASN B 42 -1.01 -38.96 10.50
CA ASN B 42 -0.25 -40.12 10.95
C ASN B 42 -0.84 -41.34 10.23
N THR B 43 -0.03 -42.37 10.07
CA THR B 43 -0.46 -43.61 9.42
C THR B 43 -1.61 -44.27 10.20
N ASN B 44 -1.76 -43.85 11.46
CA ASN B 44 -2.80 -44.37 12.33
C ASN B 44 -4.19 -43.81 12.04
N THR B 45 -4.25 -42.51 11.78
CA THR B 45 -5.51 -41.82 11.51
C THR B 45 -6.41 -42.36 10.39
N ASN B 46 -7.71 -42.36 10.68
CA ASN B 46 -8.72 -42.83 9.74
C ASN B 46 -9.62 -41.66 9.31
N PRO B 47 -10.03 -41.64 8.03
CA PRO B 47 -9.63 -42.68 7.07
C PRO B 47 -8.17 -42.56 6.66
N LYS B 48 -7.61 -43.64 6.13
CA LYS B 48 -6.21 -43.64 5.74
C LYS B 48 -6.02 -43.27 4.28
N TYR B 49 -7.11 -43.32 3.52
CA TYR B 49 -7.03 -43.04 2.11
C TYR B 49 -8.01 -41.97 1.64
N VAL B 50 -7.83 -41.56 0.39
CA VAL B 50 -8.68 -40.56 -0.27
C VAL B 50 -8.69 -40.92 -1.75
N LEU B 51 -9.89 -40.97 -2.32
CA LEU B 51 -10.06 -41.31 -3.73
C LEU B 51 -10.24 -40.06 -4.59
N VAL B 52 -9.76 -40.14 -5.82
CA VAL B 52 -9.87 -39.03 -6.75
C VAL B 52 -10.44 -39.55 -8.06
N GLU B 53 -11.73 -39.27 -8.29
CA GLU B 53 -12.36 -39.69 -9.52
C GLU B 53 -12.16 -38.63 -10.60
N LEU B 54 -11.43 -39.02 -11.65
CA LEU B 54 -11.12 -38.15 -12.77
C LEU B 54 -12.06 -38.47 -13.94
N GLN B 55 -12.90 -37.49 -14.28
CA GLN B 55 -13.85 -37.65 -15.37
C GLN B 55 -13.32 -37.04 -16.67
N GLY B 56 -12.91 -37.89 -17.60
CA GLY B 56 -12.40 -37.41 -18.85
C GLY B 56 -13.49 -37.27 -19.91
N SER B 57 -13.07 -36.91 -21.12
CA SER B 57 -14.00 -36.76 -22.24
C SER B 57 -14.37 -38.16 -22.73
N ASN B 58 -15.50 -38.26 -23.41
CA ASN B 58 -15.96 -39.53 -23.96
C ASN B 58 -16.41 -40.56 -22.92
N LYS B 59 -16.84 -40.07 -21.75
CA LYS B 59 -17.32 -40.91 -20.65
C LYS B 59 -16.28 -41.89 -20.11
N LYS B 60 -15.00 -41.54 -20.25
CA LYS B 60 -13.91 -42.37 -19.76
C LYS B 60 -13.51 -41.89 -18.36
N THR B 61 -13.61 -42.80 -17.39
CA THR B 61 -13.26 -42.46 -16.01
C THR B 61 -12.12 -43.31 -15.45
N ILE B 62 -11.38 -42.72 -14.50
CA ILE B 62 -10.29 -43.39 -13.82
C ILE B 62 -10.29 -42.83 -12.41
N THR B 63 -10.28 -43.71 -11.41
CA THR B 63 -10.24 -43.30 -10.01
C THR B 63 -8.85 -43.64 -9.46
N LEU B 64 -8.23 -42.66 -8.82
CA LEU B 64 -6.91 -42.82 -8.22
C LEU B 64 -7.04 -42.98 -6.71
N MET B 65 -6.37 -43.99 -6.15
CA MET B 65 -6.40 -44.19 -4.71
C MET B 65 -5.14 -43.57 -4.12
N LEU B 66 -5.33 -42.64 -3.19
CA LEU B 66 -4.21 -41.94 -2.56
C LEU B 66 -4.11 -42.21 -1.07
N ARG B 67 -2.87 -42.42 -0.59
CA ARG B 67 -2.61 -42.62 0.83
C ARG B 67 -2.54 -41.21 1.43
N ARG B 68 -3.34 -40.93 2.45
CA ARG B 68 -3.35 -39.59 3.07
C ARG B 68 -2.05 -39.21 3.75
N ASN B 69 -1.39 -40.20 4.35
CA ASN B 69 -0.12 -40.01 5.06
C ASN B 69 0.95 -39.27 4.25
N ASN B 70 1.12 -39.63 2.98
CA ASN B 70 2.13 -39.00 2.13
C ASN B 70 1.64 -38.64 0.72
N LEU B 71 0.33 -38.79 0.47
CA LEU B 71 -0.29 -38.51 -0.83
C LEU B 71 0.19 -39.37 -2.01
N TYR B 72 0.84 -40.50 -1.72
CA TYR B 72 1.29 -41.35 -2.81
C TYR B 72 0.12 -42.08 -3.42
N VAL B 73 0.19 -42.30 -4.73
CA VAL B 73 -0.85 -43.02 -5.45
C VAL B 73 -0.53 -44.49 -5.27
N MET B 74 -1.48 -45.23 -4.71
CA MET B 74 -1.31 -46.66 -4.47
C MET B 74 -1.77 -47.49 -5.66
N GLY B 75 -2.66 -46.92 -6.46
CA GLY B 75 -3.19 -47.60 -7.62
C GLY B 75 -4.39 -46.84 -8.14
N TYR B 76 -5.06 -47.39 -9.15
CA TYR B 76 -6.24 -46.75 -9.73
C TYR B 76 -7.22 -47.80 -10.26
N SER B 77 -8.47 -47.41 -10.47
CA SER B 77 -9.46 -48.33 -11.03
C SER B 77 -10.13 -47.67 -12.23
N ASP B 78 -10.81 -48.47 -13.04
CA ASP B 78 -11.52 -47.95 -14.20
C ASP B 78 -12.72 -48.85 -14.50
N PRO B 79 -13.81 -48.27 -15.05
CA PRO B 79 -14.94 -49.16 -15.34
C PRO B 79 -14.53 -50.06 -16.49
N PHE B 80 -14.70 -51.36 -16.32
CA PHE B 80 -14.29 -52.33 -17.32
C PHE B 80 -15.47 -53.16 -17.79
N GLU B 81 -15.41 -53.56 -19.06
CA GLU B 81 -16.46 -54.37 -19.68
C GLU B 81 -17.82 -53.76 -19.35
N THR B 82 -18.80 -54.61 -19.10
CA THR B 82 -20.13 -54.13 -18.79
C THR B 82 -20.26 -53.38 -17.47
N ASN B 83 -20.18 -54.12 -16.38
CA ASN B 83 -20.33 -53.57 -15.04
C ASN B 83 -19.20 -54.01 -14.10
N LYS B 84 -18.05 -54.35 -14.68
CA LYS B 84 -16.90 -54.78 -13.90
C LYS B 84 -16.01 -53.63 -13.46
N CYS B 85 -15.42 -53.75 -12.27
CA CYS B 85 -14.52 -52.74 -11.72
C CYS B 85 -13.11 -53.31 -11.77
N ARG B 86 -12.27 -52.73 -12.62
CA ARG B 86 -10.90 -53.19 -12.75
C ARG B 86 -9.97 -52.37 -11.88
N TYR B 87 -9.30 -53.04 -10.94
CA TYR B 87 -8.36 -52.37 -10.05
C TYR B 87 -6.90 -52.69 -10.42
N HIS B 88 -6.06 -51.67 -10.38
CA HIS B 88 -4.65 -51.77 -10.73
C HIS B 88 -3.81 -51.35 -9.52
N ILE B 89 -3.05 -52.29 -8.98
CA ILE B 89 -2.23 -52.00 -7.80
C ILE B 89 -0.76 -51.88 -8.17
N PHE B 90 -0.07 -50.94 -7.55
CA PHE B 90 1.35 -50.75 -7.80
C PHE B 90 2.14 -51.91 -7.23
N ASN B 91 3.19 -52.29 -7.93
CA ASN B 91 4.06 -53.40 -7.54
C ASN B 91 4.71 -53.18 -6.18
N ASP B 92 4.89 -51.92 -5.78
CA ASP B 92 5.49 -51.60 -4.49
C ASP B 92 4.50 -51.50 -3.32
N ILE B 93 3.28 -51.94 -3.55
CA ILE B 93 2.27 -51.95 -2.50
C ILE B 93 2.24 -53.38 -2.04
N SER B 94 2.19 -53.60 -0.72
CA SER B 94 2.17 -54.95 -0.17
C SER B 94 1.50 -55.07 1.19
N GLY B 95 1.28 -56.31 1.60
CA GLY B 95 0.65 -56.57 2.89
C GLY B 95 -0.84 -56.31 2.85
N THR B 96 -1.36 -55.79 3.96
CA THR B 96 -2.78 -55.49 4.09
C THR B 96 -3.21 -54.35 3.16
N GLU B 97 -2.26 -53.50 2.79
CA GLU B 97 -2.55 -52.38 1.91
C GLU B 97 -3.06 -52.82 0.55
N ARG B 98 -2.59 -53.99 0.07
CA ARG B 98 -3.02 -54.51 -1.22
C ARG B 98 -4.50 -54.89 -1.19
N GLN B 99 -4.98 -55.34 -0.04
CA GLN B 99 -6.39 -55.69 0.08
C GLN B 99 -7.21 -54.42 0.26
N ASP B 100 -6.57 -53.39 0.82
CA ASP B 100 -7.24 -52.11 1.03
C ASP B 100 -7.48 -51.41 -0.28
N VAL B 101 -6.51 -51.50 -1.19
CA VAL B 101 -6.61 -50.87 -2.51
C VAL B 101 -7.71 -51.59 -3.29
N GLU B 102 -7.73 -52.91 -3.20
CA GLU B 102 -8.70 -53.72 -3.88
C GLU B 102 -10.14 -53.50 -3.41
N THR B 103 -10.35 -53.49 -2.10
CA THR B 103 -11.69 -53.32 -1.55
C THR B 103 -12.15 -51.86 -1.49
N THR B 104 -11.20 -50.93 -1.46
CA THR B 104 -11.55 -49.50 -1.41
C THR B 104 -11.89 -48.98 -2.81
N LEU B 105 -11.14 -49.43 -3.81
CA LEU B 105 -11.38 -49.00 -5.19
C LEU B 105 -12.58 -49.70 -5.82
N CYS B 106 -12.69 -51.01 -5.59
CA CYS B 106 -13.78 -51.81 -6.13
C CYS B 106 -14.52 -52.52 -5.01
N PRO B 107 -15.39 -51.78 -4.28
CA PRO B 107 -16.19 -52.27 -3.15
C PRO B 107 -17.13 -53.45 -3.40
N ASN B 108 -17.45 -53.71 -4.67
CA ASN B 108 -18.33 -54.82 -4.98
C ASN B 108 -17.48 -56.04 -5.28
N ALA B 109 -17.43 -56.95 -4.31
CA ALA B 109 -16.64 -58.17 -4.41
C ALA B 109 -16.99 -59.07 -5.58
N ASN B 110 -18.27 -59.16 -5.89
CA ASN B 110 -18.75 -60.03 -6.96
C ASN B 110 -18.42 -59.55 -8.38
N SER B 111 -18.14 -58.27 -8.55
CA SER B 111 -17.83 -57.74 -9.87
C SER B 111 -16.52 -56.99 -10.03
N ARG B 112 -15.43 -57.52 -9.47
CA ARG B 112 -14.14 -56.85 -9.61
C ARG B 112 -13.05 -57.69 -10.25
N VAL B 113 -12.37 -57.07 -11.22
CA VAL B 113 -11.29 -57.69 -11.98
C VAL B 113 -10.00 -56.96 -11.65
N SER B 114 -8.88 -57.67 -11.70
CA SER B 114 -7.60 -57.03 -11.40
C SER B 114 -6.65 -56.99 -12.59
N LYS B 115 -5.84 -55.95 -12.62
CA LYS B 115 -4.82 -55.78 -13.65
C LYS B 115 -3.70 -55.01 -12.97
N ASN B 116 -2.74 -55.74 -12.43
CA ASN B 116 -1.61 -55.16 -11.71
C ASN B 116 -0.73 -54.25 -12.54
N ILE B 117 -0.12 -53.29 -11.87
CA ILE B 117 0.83 -52.41 -12.51
C ILE B 117 2.13 -53.19 -12.21
N ASN B 118 2.79 -53.70 -13.25
CA ASN B 118 4.00 -54.50 -13.10
C ASN B 118 5.29 -53.77 -12.84
N PHE B 119 5.20 -52.64 -12.14
CA PHE B 119 6.37 -51.85 -11.78
C PHE B 119 6.04 -50.97 -10.59
N ASP B 120 7.04 -50.32 -10.02
CA ASP B 120 6.80 -49.48 -8.86
C ASP B 120 6.46 -48.05 -9.23
N SER B 121 6.18 -47.25 -8.21
CA SER B 121 5.82 -45.85 -8.40
C SER B 121 6.94 -44.81 -8.34
N ARG B 122 8.20 -45.25 -8.32
CA ARG B 122 9.30 -44.30 -8.26
C ARG B 122 9.46 -43.63 -9.62
N TYR B 123 9.76 -42.34 -9.61
CA TYR B 123 9.94 -41.59 -10.85
C TYR B 123 10.92 -42.19 -11.84
N PRO B 124 12.10 -42.63 -11.38
CA PRO B 124 13.03 -43.21 -12.35
C PRO B 124 12.47 -44.46 -13.02
N THR B 125 11.63 -45.21 -12.31
CA THR B 125 11.02 -46.41 -12.90
C THR B 125 10.00 -45.98 -13.94
N LEU B 126 9.21 -44.97 -13.59
CA LEU B 126 8.18 -44.43 -14.46
C LEU B 126 8.78 -43.86 -15.74
N GLU B 127 9.90 -43.17 -15.61
CA GLU B 127 10.58 -42.54 -16.75
C GLU B 127 11.18 -43.55 -17.70
N SER B 128 11.64 -44.68 -17.19
CA SER B 128 12.24 -45.71 -18.03
C SER B 128 11.14 -46.46 -18.78
N LYS B 129 10.02 -46.67 -18.10
CA LYS B 129 8.87 -47.34 -18.71
C LYS B 129 8.28 -46.45 -19.82
N ALA B 130 8.21 -45.14 -19.55
CA ALA B 130 7.71 -44.17 -20.53
C ALA B 130 8.74 -43.93 -21.64
N GLY B 131 9.95 -44.45 -21.45
CA GLY B 131 11.01 -44.32 -22.44
C GLY B 131 11.71 -42.98 -22.57
N VAL B 132 11.97 -42.32 -21.43
CA VAL B 132 12.65 -41.02 -21.44
C VAL B 132 13.79 -40.98 -20.40
N LYS B 133 14.68 -40.00 -20.54
CA LYS B 133 15.79 -39.85 -19.61
C LYS B 133 15.32 -39.05 -18.40
N SER B 134 14.28 -38.25 -18.60
CA SER B 134 13.74 -37.42 -17.54
C SER B 134 12.29 -37.08 -17.85
N ARG B 135 11.50 -36.90 -16.79
CA ARG B 135 10.08 -36.57 -16.93
C ARG B 135 9.88 -35.14 -17.40
N SER B 136 10.97 -34.38 -17.48
CA SER B 136 10.92 -33.00 -17.97
C SER B 136 10.68 -33.03 -19.48
N GLN B 137 10.92 -34.19 -20.08
CA GLN B 137 10.74 -34.43 -21.51
C GLN B 137 9.30 -34.89 -21.81
N VAL B 138 8.50 -35.01 -20.77
CA VAL B 138 7.11 -35.42 -20.91
C VAL B 138 6.24 -34.23 -20.53
N GLN B 139 5.50 -33.73 -21.51
CA GLN B 139 4.62 -32.60 -21.28
C GLN B 139 3.39 -32.90 -20.41
N LEU B 140 3.07 -31.93 -19.57
CA LEU B 140 1.94 -31.98 -18.67
C LEU B 140 0.88 -31.04 -19.25
N GLY B 141 -0.38 -31.28 -18.90
CA GLY B 141 -1.44 -30.43 -19.40
C GLY B 141 -2.79 -31.06 -19.21
N ILE B 142 -3.81 -30.24 -19.06
CA ILE B 142 -5.18 -30.70 -18.86
C ILE B 142 -5.63 -31.59 -20.00
N GLN B 143 -5.38 -31.14 -21.22
CA GLN B 143 -5.77 -31.87 -22.41
C GLN B 143 -4.97 -33.15 -22.55
N ILE B 144 -3.74 -33.13 -22.05
CA ILE B 144 -2.86 -34.29 -22.08
C ILE B 144 -3.36 -35.34 -21.09
N LEU B 145 -3.80 -34.89 -19.92
CA LEU B 145 -4.33 -35.77 -18.88
C LEU B 145 -5.61 -36.45 -19.37
N ASP B 146 -6.48 -35.66 -20.00
CA ASP B 146 -7.76 -36.13 -20.54
C ASP B 146 -7.47 -37.18 -21.61
N SER B 147 -6.49 -36.90 -22.44
CA SER B 147 -6.10 -37.79 -23.52
C SER B 147 -5.59 -39.14 -22.99
N ASN B 148 -4.77 -39.09 -21.95
CA ASN B 148 -4.21 -40.30 -21.36
C ASN B 148 -5.28 -41.16 -20.68
N ILE B 149 -6.29 -40.49 -20.10
CA ILE B 149 -7.41 -41.19 -19.46
C ILE B 149 -8.13 -42.03 -20.52
N GLY B 150 -8.29 -41.45 -21.71
CA GLY B 150 -8.96 -42.15 -22.79
C GLY B 150 -8.21 -43.38 -23.30
N LYS B 151 -6.88 -43.35 -23.23
CA LYS B 151 -6.03 -44.46 -23.68
C LYS B 151 -6.05 -45.65 -22.73
N ILE B 152 -6.45 -45.39 -21.48
CA ILE B 152 -6.47 -46.40 -20.43
C ILE B 152 -7.87 -46.94 -20.12
N SER B 153 -8.72 -46.03 -19.66
CA SER B 153 -10.09 -46.32 -19.24
C SER B 153 -10.89 -47.24 -20.17
N GLY B 154 -11.26 -48.40 -19.65
CA GLY B 154 -12.02 -49.37 -20.39
C GLY B 154 -11.26 -50.18 -21.43
N VAL B 155 -10.03 -49.78 -21.71
CA VAL B 155 -9.18 -50.43 -22.70
C VAL B 155 -8.67 -51.79 -22.22
N MET B 156 -8.95 -52.82 -23.03
CA MET B 156 -8.56 -54.19 -22.73
C MET B 156 -7.09 -54.31 -22.36
N SER B 157 -6.23 -53.98 -23.32
CA SER B 157 -4.79 -54.05 -23.08
C SER B 157 -4.05 -52.85 -23.65
N PHE B 158 -3.11 -52.34 -22.88
CA PHE B 158 -2.29 -51.20 -23.27
C PHE B 158 -0.84 -51.48 -22.88
N THR B 159 0.09 -50.74 -23.50
CA THR B 159 1.51 -50.92 -23.23
C THR B 159 1.90 -50.30 -21.89
N GLU B 160 3.01 -50.78 -21.33
CA GLU B 160 3.52 -50.25 -20.07
C GLU B 160 3.95 -48.80 -20.27
N LYS B 161 4.36 -48.47 -21.49
CA LYS B 161 4.77 -47.11 -21.83
C LYS B 161 3.57 -46.19 -21.70
N THR B 162 2.46 -46.62 -22.29
CA THR B 162 1.20 -45.86 -22.26
C THR B 162 0.70 -45.67 -20.82
N GLU B 163 0.88 -46.71 -20.00
CA GLU B 163 0.46 -46.65 -18.60
C GLU B 163 1.37 -45.74 -17.79
N ALA B 164 2.67 -45.78 -18.08
CA ALA B 164 3.64 -44.96 -17.38
C ALA B 164 3.43 -43.47 -17.68
N GLU B 165 3.15 -43.15 -18.94
CA GLU B 165 2.90 -41.76 -19.31
C GLU B 165 1.68 -41.24 -18.53
N PHE B 166 0.64 -42.07 -18.46
CA PHE B 166 -0.56 -41.70 -17.73
C PHE B 166 -0.21 -41.39 -16.29
N LEU B 167 0.53 -42.30 -15.66
CA LEU B 167 0.92 -42.12 -14.25
C LEU B 167 1.80 -40.90 -14.03
N LEU B 168 2.78 -40.69 -14.90
CA LEU B 168 3.68 -39.54 -14.78
C LEU B 168 2.88 -38.24 -14.77
N VAL B 169 1.90 -38.13 -15.67
CA VAL B 169 1.05 -36.95 -15.78
C VAL B 169 0.07 -36.82 -14.59
N ALA B 170 -0.65 -37.90 -14.28
CA ALA B 170 -1.62 -37.87 -13.19
C ALA B 170 -0.99 -37.57 -11.84
N ILE B 171 0.15 -38.20 -11.57
CA ILE B 171 0.84 -37.99 -10.29
C ILE B 171 1.29 -36.55 -10.11
N GLN B 172 1.85 -35.96 -11.16
CA GLN B 172 2.33 -34.59 -11.09
C GLN B 172 1.22 -33.54 -11.03
N MET B 173 0.13 -33.79 -11.75
CA MET B 173 -0.99 -32.84 -11.79
C MET B 173 -1.98 -32.99 -10.64
N VAL B 174 -1.91 -34.11 -9.94
CA VAL B 174 -2.79 -34.36 -8.82
C VAL B 174 -2.03 -34.27 -7.49
N SER B 175 -1.21 -35.27 -7.19
CA SER B 175 -0.44 -35.31 -5.94
C SER B 175 0.59 -34.20 -5.80
N GLU B 176 1.43 -34.01 -6.82
CA GLU B 176 2.47 -32.97 -6.73
C GLU B 176 1.91 -31.57 -6.73
N ALA B 177 0.77 -31.36 -7.38
CA ALA B 177 0.14 -30.06 -7.42
C ALA B 177 -0.54 -29.76 -6.09
N ALA B 178 -1.08 -30.79 -5.44
CA ALA B 178 -1.71 -30.59 -4.14
C ALA B 178 -0.66 -30.25 -3.06
N ARG B 179 0.53 -30.84 -3.18
CA ARG B 179 1.58 -30.58 -2.20
C ARG B 179 2.22 -29.22 -2.35
N PHE B 180 2.39 -28.77 -3.59
CA PHE B 180 3.03 -27.50 -3.88
C PHE B 180 2.17 -26.45 -4.59
N LYS B 181 2.07 -25.27 -4.01
CA LYS B 181 1.33 -24.18 -4.62
C LYS B 181 2.05 -23.79 -5.91
N TYR B 182 3.38 -23.90 -5.89
CA TYR B 182 4.17 -23.57 -7.07
C TYR B 182 3.79 -24.41 -8.27
N ILE B 183 3.69 -25.72 -8.09
CA ILE B 183 3.34 -26.60 -9.21
C ILE B 183 1.89 -26.35 -9.66
N GLU B 184 1.03 -25.94 -8.73
CA GLU B 184 -0.37 -25.63 -9.07
C GLU B 184 -0.38 -24.40 -9.97
N ASN B 185 0.44 -23.40 -9.61
CA ASN B 185 0.54 -22.16 -10.37
C ASN B 185 1.13 -22.41 -11.75
N GLN B 186 2.06 -23.36 -11.87
CA GLN B 186 2.64 -23.69 -13.16
C GLN B 186 1.59 -24.26 -14.09
N VAL B 187 0.66 -25.01 -13.52
CA VAL B 187 -0.42 -25.61 -14.30
C VAL B 187 -1.42 -24.56 -14.77
N LYS B 188 -1.79 -23.66 -13.87
CA LYS B 188 -2.74 -22.61 -14.18
C LYS B 188 -2.21 -21.56 -15.15
N THR B 189 -0.90 -21.30 -15.11
CA THR B 189 -0.28 -20.34 -16.01
C THR B 189 -0.19 -20.90 -17.43
N ASN B 190 -0.10 -22.23 -17.54
CA ASN B 190 0.00 -22.92 -18.83
C ASN B 190 -1.27 -23.73 -19.06
N PHE B 191 -2.37 -23.29 -18.47
CA PHE B 191 -3.64 -24.01 -18.56
C PHE B 191 -4.17 -24.40 -19.94
N ASN B 192 -3.93 -23.55 -20.94
CA ASN B 192 -4.43 -23.80 -22.29
C ASN B 192 -3.39 -24.35 -23.23
N ARG B 193 -2.30 -24.87 -22.68
CA ARG B 193 -1.24 -25.44 -23.50
C ARG B 193 -0.45 -26.49 -22.74
N ALA B 194 0.28 -27.31 -23.49
CA ALA B 194 1.10 -28.35 -22.89
C ALA B 194 2.43 -27.70 -22.52
N PHE B 195 3.00 -28.12 -21.39
CA PHE B 195 4.27 -27.57 -20.96
C PHE B 195 5.22 -28.63 -20.41
N ASN B 196 6.50 -28.28 -20.33
CA ASN B 196 7.52 -29.16 -19.79
C ASN B 196 7.88 -28.66 -18.40
N PRO B 197 7.83 -29.55 -17.40
CA PRO B 197 8.15 -29.13 -16.04
C PRO B 197 9.55 -28.51 -15.99
N ASN B 198 9.70 -27.38 -15.31
CA ASN B 198 11.02 -26.74 -15.21
C ASN B 198 11.85 -27.35 -14.07
N PRO B 199 13.15 -27.04 -14.01
CA PRO B 199 14.02 -27.58 -12.96
C PRO B 199 13.50 -27.43 -11.54
N LYS B 200 12.74 -26.36 -11.28
CA LYS B 200 12.21 -26.14 -9.95
C LYS B 200 11.05 -27.05 -9.56
N VAL B 201 10.13 -27.34 -10.48
CA VAL B 201 9.01 -28.22 -10.12
C VAL B 201 9.53 -29.65 -9.84
N LEU B 202 10.50 -30.11 -10.64
CA LEU B 202 11.10 -31.43 -10.47
C LEU B 202 11.90 -31.54 -9.18
N ASN B 203 12.63 -30.46 -8.85
CA ASN B 203 13.42 -30.40 -7.64
C ASN B 203 12.52 -30.42 -6.42
N LEU B 204 11.44 -29.66 -6.49
CA LEU B 204 10.45 -29.56 -5.43
C LEU B 204 9.85 -30.95 -5.13
N GLN B 205 9.58 -31.68 -6.20
CA GLN B 205 8.98 -33.02 -6.09
C GLN B 205 9.92 -33.96 -5.33
N GLU B 206 11.20 -33.92 -5.71
CA GLU B 206 12.22 -34.77 -5.13
C GLU B 206 12.73 -34.40 -3.74
N THR B 207 12.42 -33.20 -3.27
CA THR B 207 12.89 -32.79 -1.96
C THR B 207 11.78 -32.46 -0.99
N TRP B 208 10.56 -32.87 -1.33
CA TRP B 208 9.39 -32.63 -0.48
C TRP B 208 9.57 -33.15 0.95
N GLY B 209 10.15 -34.34 1.10
CA GLY B 209 10.35 -34.89 2.43
C GLY B 209 11.33 -34.06 3.25
N LYS B 210 12.40 -33.64 2.59
CA LYS B 210 13.44 -32.84 3.22
C LYS B 210 12.93 -31.47 3.63
N ILE B 211 12.10 -30.86 2.77
CA ILE B 211 11.52 -29.55 3.08
C ILE B 211 10.56 -29.64 4.26
N SER B 212 9.75 -30.69 4.29
CA SER B 212 8.79 -30.92 5.37
C SER B 212 9.45 -31.09 6.75
N THR B 213 10.56 -31.84 6.78
CA THR B 213 11.33 -32.08 8.00
C THR B 213 11.98 -30.78 8.47
N ALA B 214 12.59 -30.05 7.53
CA ALA B 214 13.26 -28.78 7.80
C ALA B 214 12.33 -27.74 8.39
N ILE B 215 11.14 -27.61 7.79
CA ILE B 215 10.14 -26.65 8.28
C ILE B 215 9.61 -27.08 9.66
N HIS B 216 9.37 -28.37 9.83
CA HIS B 216 8.89 -28.89 11.10
C HIS B 216 9.92 -28.67 12.22
N ASP B 217 11.20 -28.80 11.88
CA ASP B 217 12.29 -28.63 12.85
C ASP B 217 12.88 -27.23 12.99
N ALA B 218 12.53 -26.31 12.10
CA ALA B 218 13.05 -24.95 12.16
C ALA B 218 12.66 -24.29 13.48
N LYS B 219 13.54 -23.42 13.98
CA LYS B 219 13.29 -22.68 15.22
C LYS B 219 13.26 -21.17 14.95
N ASN B 220 12.15 -20.54 15.31
CA ASN B 220 11.95 -19.10 15.10
C ASN B 220 12.00 -18.78 13.61
N GLY B 221 11.53 -19.72 12.80
CA GLY B 221 11.52 -19.55 11.36
C GLY B 221 12.84 -19.84 10.66
N VAL B 222 13.88 -20.14 11.42
CA VAL B 222 15.17 -20.44 10.83
C VAL B 222 15.35 -21.94 10.67
N LEU B 223 15.66 -22.37 9.46
CA LEU B 223 15.87 -23.77 9.18
C LEU B 223 17.08 -24.31 9.95
N PRO B 224 17.04 -25.59 10.38
CA PRO B 224 18.13 -26.23 11.12
C PRO B 224 19.46 -26.07 10.40
N LYS B 225 19.41 -26.15 9.08
CA LYS B 225 20.59 -26.00 8.24
C LYS B 225 20.17 -25.54 6.85
N PRO B 226 21.06 -24.83 6.14
CA PRO B 226 20.78 -24.33 4.78
C PRO B 226 20.24 -25.41 3.86
N LEU B 227 19.13 -25.08 3.20
CA LEU B 227 18.50 -26.00 2.27
C LEU B 227 18.91 -25.62 0.85
N GLU B 228 19.51 -26.57 0.13
CA GLU B 228 19.96 -26.31 -1.23
C GLU B 228 18.94 -26.81 -2.25
N LEU B 229 18.18 -25.88 -2.80
CA LEU B 229 17.16 -26.20 -3.80
C LEU B 229 17.58 -25.67 -5.18
N VAL B 230 16.68 -25.76 -6.15
CA VAL B 230 16.96 -25.31 -7.51
C VAL B 230 15.80 -24.43 -7.96
N ASP B 231 16.11 -23.26 -8.50
CA ASP B 231 15.04 -22.38 -8.97
C ASP B 231 14.61 -22.75 -10.37
N ALA B 232 13.63 -22.00 -10.88
CA ALA B 232 13.06 -22.25 -12.21
C ALA B 232 14.03 -22.21 -13.38
N SER B 233 15.14 -21.47 -13.25
CA SER B 233 16.13 -21.39 -14.33
C SER B 233 17.13 -22.54 -14.30
N GLY B 234 17.18 -23.25 -13.17
CA GLY B 234 18.10 -24.36 -13.03
C GLY B 234 19.35 -24.01 -12.22
N ALA B 235 19.30 -22.86 -11.56
CA ALA B 235 20.42 -22.40 -10.74
C ALA B 235 20.21 -22.75 -9.28
N LYS B 236 21.31 -22.97 -8.57
CA LYS B 236 21.24 -23.32 -7.15
C LYS B 236 20.54 -22.21 -6.38
N TRP B 237 19.59 -22.61 -5.55
CA TRP B 237 18.80 -21.71 -4.74
C TRP B 237 18.94 -22.11 -3.27
N ILE B 238 19.63 -21.28 -2.49
CA ILE B 238 19.85 -21.57 -1.07
C ILE B 238 18.76 -20.94 -0.21
N VAL B 239 18.08 -21.76 0.58
CA VAL B 239 17.01 -21.31 1.46
C VAL B 239 17.48 -21.37 2.91
N LEU B 240 17.23 -20.30 3.65
CA LEU B 240 17.65 -20.24 5.05
C LEU B 240 16.48 -20.17 6.01
N ARG B 241 15.40 -19.54 5.58
CA ARG B 241 14.23 -19.39 6.44
C ARG B 241 12.97 -20.00 5.85
N VAL B 242 11.98 -20.22 6.72
CA VAL B 242 10.71 -20.80 6.29
C VAL B 242 9.97 -19.84 5.37
N ASP B 243 10.07 -18.55 5.65
CA ASP B 243 9.44 -17.52 4.83
C ASP B 243 9.81 -17.63 3.35
N GLU B 244 11.05 -18.04 3.09
CA GLU B 244 11.58 -18.17 1.74
C GLU B 244 11.03 -19.33 0.92
N ILE B 245 10.57 -20.37 1.59
CA ILE B 245 10.05 -21.55 0.90
C ILE B 245 8.55 -21.75 1.07
N LYS B 246 8.01 -21.18 2.15
CA LYS B 246 6.58 -21.31 2.47
C LYS B 246 5.59 -21.02 1.34
N PRO B 247 5.84 -19.97 0.54
CA PRO B 247 4.93 -19.63 -0.56
C PRO B 247 4.69 -20.75 -1.58
N ASP B 248 5.70 -21.57 -1.82
CA ASP B 248 5.61 -22.66 -2.77
C ASP B 248 5.03 -23.96 -2.22
N VAL B 249 4.82 -24.03 -0.91
CA VAL B 249 4.37 -25.26 -0.26
C VAL B 249 2.96 -25.19 0.34
N ALA B 250 2.11 -26.14 -0.07
CA ALA B 250 0.73 -26.20 0.42
C ALA B 250 0.51 -27.25 1.52
N LEU B 251 1.20 -28.39 1.40
CA LEU B 251 1.11 -29.49 2.37
C LEU B 251 2.47 -30.06 2.77
N LEU B 252 2.63 -30.33 4.07
CA LEU B 252 3.85 -30.92 4.60
C LEU B 252 3.66 -32.42 4.77
N ASN B 253 4.72 -33.19 4.54
CA ASN B 253 4.67 -34.64 4.74
C ASN B 253 4.56 -34.81 6.24
N TYR B 254 3.93 -35.89 6.69
CA TYR B 254 3.80 -36.11 8.12
C TYR B 254 5.20 -36.27 8.74
N VAL B 255 5.45 -35.52 9.81
CA VAL B 255 6.71 -35.54 10.54
C VAL B 255 6.35 -35.57 12.02
N GLY B 256 6.77 -36.62 12.72
CA GLY B 256 6.48 -36.77 14.13
C GLY B 256 7.18 -35.77 15.03
N GLY B 257 6.51 -35.40 16.11
CA GLY B 257 7.11 -34.44 17.03
C GLY B 257 6.38 -33.11 17.00
N SER B 258 6.75 -32.22 17.90
CA SER B 258 6.14 -30.90 17.97
C SER B 258 6.87 -29.88 17.10
N CYS B 259 6.16 -28.84 16.71
CA CYS B 259 6.69 -27.78 15.87
C CYS B 259 5.90 -26.51 16.14
N GLN B 260 6.46 -25.36 15.82
CA GLN B 260 5.75 -24.12 16.02
C GLN B 260 4.62 -24.09 15.00
N THR B 261 3.40 -24.28 15.49
CA THR B 261 2.21 -24.33 14.66
C THR B 261 1.98 -23.14 13.74
N THR B 262 2.32 -21.95 14.21
CA THR B 262 2.15 -20.71 13.44
C THR B 262 3.27 -19.74 13.75
N9 GUN C . -4.49 43.38 6.15
C8 GUN C . -3.43 43.57 5.30
N7 GUN C . -2.92 42.46 4.85
C5 GUN C . -3.69 41.47 5.45
C6 GUN C . -3.61 40.05 5.34
O6 GUN C . -2.81 39.37 4.68
N1 GUN C . -4.58 39.44 6.11
C2 GUN C . -5.52 40.09 6.89
N2 GUN C . -6.40 39.31 7.54
N3 GUN C . -5.60 41.40 6.99
C4 GUN C . -4.66 42.02 6.25
HN1 GUN C . -4.57 38.43 6.12
HN21 GUN C . -7.10 39.74 8.12
HN22 GUN C . -6.36 38.31 7.44
N9 GUN D . 6.52 -41.16 -7.45
C8 GUN D . 6.90 -39.87 -7.26
N7 GUN D . 6.01 -39.15 -6.62
C5 GUN D . 4.99 -40.04 -6.37
C6 GUN D . 3.75 -39.86 -5.70
O6 GUN D . 3.30 -38.81 -5.20
N1 GUN D . 3.00 -41.02 -5.67
C2 GUN D . 3.40 -42.23 -6.20
N2 GUN D . 2.55 -43.24 -6.07
N3 GUN D . 4.55 -42.42 -6.83
C4 GUN D . 5.28 -41.29 -6.86
HN1 GUN D . 2.09 -40.96 -5.23
HN21 GUN D . 2.77 -44.14 -6.45
HN22 GUN D . 1.67 -43.11 -5.57
#